data_4US2
#
_entry.id   4US2
#
_cell.length_a   149.710
_cell.length_b   149.710
_cell.length_c   200.080
_cell.angle_alpha   90.00
_cell.angle_beta   90.00
_cell.angle_gamma   90.00
#
_symmetry.space_group_name_H-M   'I 4 2 2'
#
loop_
_entity.id
_entity.type
_entity.pdbx_description
1 polymer 'GTPASE HRAS'
2 polymer 'SON OF SEVENLESS HOMOLOG 1'
3 non-polymer 3-[(3R)-1-ethyl-2,5-dioxopyrrolidin-3-yl]benzamide
4 water water
#
loop_
_entity_poly.entity_id
_entity_poly.type
_entity_poly.pdbx_seq_one_letter_code
_entity_poly.pdbx_strand_id
1 'polypeptide(L)'
;MHHHHHHGGGENLYFQGSHMTEYKLVVVGAGGVGKSALTIQLIQNHFVDEYDPTIEDSYRKQVVIDGETCLLDILDTAGQ
EEYSAMRDQYMRTGEGFLCVFAINNTKSFEDIHQYREQIKRVKDSDDVPMVLVGNKCDLAARTVESRQAQDLARSYGIPY
IETSAKTRQGVEDAFYTLVREIRQH
;
R
2 'polypeptide(L)'
;MEEQMRLPSADVYRFAEPDSEENIIFEENMQPKAGIPIIKAGTVIKLIERLTYHMYADPNFVRTFLTTYRSFCKPQELLS
LIIERFEIPEPEPTEADRIAIENGDQPLSAELKRFRKEYIQPVQLRVLNVCRHWVEHHFYDFERDAYLLQRMEEFIGTVR
GKAMKKWVESITKIIQRKKIARDNGPGHNITFQSSPPTVEWHISRPGHIETFDLLTLHPIEIARQLTLLESDLYRAVQPS
ELVGSVWTKEDKEINSPNLLKMIRHTTNLTLWFEKCIVETENLEERVAVVSRIIEILQVFQELNNFNGVLEVVSAMNSSP
VYRLDHTFEQIPSRQKKILEEAHELSEDHYKKYLAKLRSINPPCVPFFGIYLTNILKTEEGNPEVLKRHGKELINFSKRR
KVAEITGEIQQYQNQPYCLRVESDIKRFFENLNPMGNSMEKEFTDYLFNKSLEIEPRNPKPLPRFPKKYSYPLKSPGVRP
SNPRPGT
;
S
#
loop_
_chem_comp.id
_chem_comp.type
_chem_comp.name
_chem_comp.formula
L7S non-polymer 3-[(3R)-1-ethyl-2,5-dioxopyrrolidin-3-yl]benzamide 'C13 H14 N2 O3'
#
# COMPACT_ATOMS: atom_id res chain seq x y z
N HIS A 19 -8.94 -21.06 -27.69
CA HIS A 19 -8.43 -20.26 -26.56
C HIS A 19 -7.23 -20.95 -25.88
N MET A 20 -6.10 -20.22 -25.67
CA MET A 20 -4.92 -20.80 -24.98
C MET A 20 -5.20 -20.89 -23.48
N THR A 21 -4.61 -21.91 -22.83
CA THR A 21 -4.80 -22.10 -21.40
C THR A 21 -4.22 -20.95 -20.60
N GLU A 22 -4.93 -20.54 -19.54
CA GLU A 22 -4.48 -19.51 -18.63
C GLU A 22 -4.30 -20.15 -17.25
N TYR A 23 -3.12 -19.94 -16.63
CA TYR A 23 -2.81 -20.45 -15.29
C TYR A 23 -2.78 -19.28 -14.30
N LYS A 24 -3.60 -19.36 -13.25
CA LYS A 24 -3.68 -18.33 -12.19
C LYS A 24 -2.69 -18.76 -11.09
N LEU A 25 -1.54 -18.08 -11.04
CA LEU A 25 -0.45 -18.37 -10.12
C LEU A 25 -0.47 -17.36 -8.98
N VAL A 26 -0.15 -17.81 -7.76
CA VAL A 26 -0.17 -16.91 -6.60
C VAL A 26 1.16 -17.01 -5.85
N VAL A 27 1.78 -15.85 -5.58
CA VAL A 27 3.04 -15.77 -4.85
C VAL A 27 2.71 -15.53 -3.40
N VAL A 28 3.24 -16.39 -2.52
CA VAL A 28 2.99 -16.37 -1.08
C VAL A 28 4.34 -16.38 -0.40
N GLY A 29 4.48 -15.58 0.65
CA GLY A 29 5.73 -15.54 1.37
C GLY A 29 5.86 -14.35 2.30
N ALA A 30 6.91 -14.39 3.12
CA ALA A 30 7.18 -13.30 4.07
C ALA A 30 7.49 -11.98 3.37
N GLY A 31 7.08 -10.90 4.02
CA GLY A 31 7.39 -9.54 3.61
C GLY A 31 8.76 -9.14 4.11
N GLY A 32 9.25 -8.01 3.61
CA GLY A 32 10.52 -7.43 4.01
C GLY A 32 11.77 -8.11 3.49
N VAL A 33 11.64 -9.10 2.59
CA VAL A 33 12.80 -9.84 2.09
C VAL A 33 12.89 -9.84 0.54
N GLY A 34 12.25 -8.88 -0.12
CA GLY A 34 12.33 -8.71 -1.58
C GLY A 34 11.80 -9.86 -2.41
N LYS A 35 10.69 -10.48 -1.98
CA LYS A 35 10.04 -11.57 -2.71
C LYS A 35 9.49 -11.11 -4.04
N SER A 36 9.18 -9.79 -4.17
CA SER A 36 8.64 -9.20 -5.40
C SER A 36 9.60 -9.32 -6.58
N ALA A 37 10.89 -9.59 -6.34
CA ALA A 37 11.88 -9.75 -7.38
C ALA A 37 11.58 -10.92 -8.29
N LEU A 38 11.03 -12.00 -7.75
CA LEU A 38 10.74 -13.22 -8.53
C LEU A 38 9.83 -12.91 -9.75
N THR A 39 8.66 -12.29 -9.51
CA THR A 39 7.69 -12.01 -10.57
C THR A 39 8.15 -10.82 -11.42
N ILE A 40 8.78 -9.82 -10.81
CA ILE A 40 9.23 -8.66 -11.55
C ILE A 40 10.19 -9.13 -12.63
N GLN A 41 11.20 -9.92 -12.24
CA GLN A 41 12.18 -10.47 -13.16
C GLN A 41 11.58 -11.39 -14.22
N LEU A 42 10.48 -12.14 -13.91
CA LEU A 42 9.84 -12.97 -14.92
C LEU A 42 9.26 -12.09 -16.06
N ILE A 43 8.41 -11.12 -15.68
CA ILE A 43 7.67 -10.28 -16.60
C ILE A 43 8.53 -9.28 -17.33
N GLN A 44 9.40 -8.57 -16.63
CA GLN A 44 10.23 -7.57 -17.28
C GLN A 44 11.26 -8.29 -18.15
N ASN A 45 11.36 -7.91 -19.45
CA ASN A 45 12.26 -8.56 -20.43
C ASN A 45 13.69 -8.61 -19.86
N HIS A 46 14.39 -9.74 -20.12
CA HIS A 46 15.73 -10.01 -19.58
C HIS A 46 16.79 -8.87 -19.73
N PHE A 47 16.50 -7.81 -20.56
CA PHE A 47 17.42 -6.68 -20.81
C PHE A 47 16.75 -5.30 -20.59
N VAL A 48 15.56 -5.27 -19.93
CA VAL A 48 14.82 -4.04 -19.61
C VAL A 48 14.61 -4.02 -18.09
N ASP A 49 14.76 -2.85 -17.45
CA ASP A 49 14.59 -2.68 -15.99
C ASP A 49 13.53 -1.59 -15.62
N GLU A 50 12.83 -0.96 -16.60
CA GLU A 50 11.84 0.10 -16.39
C GLU A 50 10.40 -0.47 -16.09
N TYR A 51 10.17 -0.96 -14.84
CA TYR A 51 8.90 -1.61 -14.43
C TYR A 51 7.79 -0.64 -13.94
N ASP A 52 6.54 -0.94 -14.36
CA ASP A 52 5.33 -0.21 -13.95
C ASP A 52 4.27 -1.22 -13.45
N PRO A 53 4.07 -1.36 -12.12
CA PRO A 53 3.06 -2.31 -11.63
C PRO A 53 1.61 -1.94 -11.92
N THR A 54 1.35 -0.69 -12.34
CA THR A 54 0.02 -0.13 -12.63
C THR A 54 -0.68 -0.76 -13.86
N ILE A 55 0.05 -1.39 -14.81
CA ILE A 55 -0.56 -1.92 -16.04
C ILE A 55 -0.81 -3.45 -16.02
N GLU A 56 -1.63 -3.94 -16.96
CA GLU A 56 -2.02 -5.36 -17.08
C GLU A 56 -0.86 -6.30 -17.52
N ASP A 57 0.02 -5.80 -18.40
CA ASP A 57 1.19 -6.56 -18.90
C ASP A 57 2.21 -6.78 -17.78
N SER A 58 2.08 -6.05 -16.64
CA SER A 58 2.97 -6.15 -15.50
C SER A 58 2.77 -7.47 -14.74
N TYR A 59 1.58 -8.12 -14.87
CA TYR A 59 1.29 -9.40 -14.20
C TYR A 59 0.79 -10.52 -15.14
N ARG A 60 0.80 -10.32 -16.48
CA ARG A 60 0.39 -11.33 -17.46
C ARG A 60 1.50 -11.56 -18.48
N LYS A 61 1.74 -12.81 -18.85
CA LYS A 61 2.82 -13.12 -19.77
C LYS A 61 2.53 -14.41 -20.51
N GLN A 62 2.55 -14.32 -21.84
CA GLN A 62 2.34 -15.45 -22.72
C GLN A 62 3.67 -16.17 -22.81
N VAL A 63 3.67 -17.48 -22.59
CA VAL A 63 4.90 -18.26 -22.58
C VAL A 63 4.66 -19.61 -23.28
N VAL A 64 5.75 -20.32 -23.65
CA VAL A 64 5.72 -21.65 -24.26
C VAL A 64 6.41 -22.57 -23.26
N ILE A 65 5.72 -23.62 -22.80
CA ILE A 65 6.27 -24.54 -21.79
C ILE A 65 6.08 -25.93 -22.35
N ASP A 66 7.18 -26.66 -22.59
CA ASP A 66 7.15 -28.00 -23.17
C ASP A 66 6.34 -28.00 -24.49
N GLY A 67 6.57 -26.96 -25.32
CA GLY A 67 5.89 -26.78 -26.59
C GLY A 67 4.46 -26.26 -26.56
N GLU A 68 3.78 -26.30 -25.40
CA GLU A 68 2.40 -25.82 -25.27
C GLU A 68 2.38 -24.34 -24.81
N THR A 69 1.86 -23.43 -25.67
CA THR A 69 1.71 -22.01 -25.39
C THR A 69 0.63 -21.82 -24.35
N CYS A 70 0.86 -20.91 -23.40
CA CYS A 70 -0.12 -20.61 -22.33
C CYS A 70 0.05 -19.18 -21.86
N LEU A 71 -0.85 -18.75 -21.00
CA LEU A 71 -0.75 -17.45 -20.40
C LEU A 71 -0.62 -17.61 -18.88
N LEU A 72 0.37 -16.92 -18.29
CA LEU A 72 0.58 -16.92 -16.84
C LEU A 72 0.06 -15.62 -16.28
N ASP A 73 -0.97 -15.71 -15.43
CA ASP A 73 -1.52 -14.57 -14.70
C ASP A 73 -0.97 -14.77 -13.29
N ILE A 74 -0.14 -13.81 -12.81
CA ILE A 74 0.55 -13.94 -11.51
C ILE A 74 0.05 -12.91 -10.52
N LEU A 75 -0.47 -13.40 -9.37
CA LEU A 75 -0.88 -12.57 -8.24
C LEU A 75 0.23 -12.53 -7.19
N ASP A 76 0.79 -11.36 -6.99
CA ASP A 76 1.78 -11.07 -5.98
C ASP A 76 1.35 -9.84 -5.21
N THR A 77 0.86 -10.05 -3.96
CA THR A 77 0.42 -8.96 -3.10
C THR A 77 1.55 -8.37 -2.23
N ALA A 78 2.79 -8.49 -2.66
CA ALA A 78 3.93 -7.90 -1.96
C ALA A 78 3.59 -6.49 -1.44
N GLY A 79 3.73 -6.29 -0.13
CA GLY A 79 3.43 -5.04 0.56
C GLY A 79 2.16 -5.06 1.38
N GLN A 80 1.31 -6.08 1.21
CA GLN A 80 0.05 -6.20 1.93
C GLN A 80 0.02 -7.33 2.98
N GLU A 81 1.17 -7.59 3.60
CA GLU A 81 1.34 -8.68 4.59
C GLU A 81 0.58 -8.43 5.85
N GLU A 82 0.50 -7.18 6.28
CA GLU A 82 -0.28 -6.78 7.46
C GLU A 82 -1.80 -6.99 7.30
N TYR A 83 -2.33 -7.10 6.06
CA TYR A 83 -3.75 -7.43 5.82
C TYR A 83 -3.82 -8.93 5.89
N SER A 84 -3.52 -9.49 7.06
CA SER A 84 -3.45 -10.94 7.29
C SER A 84 -4.77 -11.67 7.08
N ALA A 85 -5.90 -10.98 7.31
CA ALA A 85 -7.22 -11.55 7.11
C ALA A 85 -7.66 -11.60 5.65
N MET A 86 -6.86 -11.04 4.71
CA MET A 86 -7.12 -11.09 3.27
C MET A 86 -6.42 -12.21 2.55
N ARG A 87 -5.54 -12.96 3.24
CA ARG A 87 -4.77 -14.05 2.64
C ARG A 87 -5.64 -15.11 2.03
N ASP A 88 -6.66 -15.58 2.76
CA ASP A 88 -7.57 -16.62 2.24
C ASP A 88 -8.24 -16.16 0.95
N GLN A 89 -8.76 -14.94 0.97
CA GLN A 89 -9.39 -14.36 -0.21
C GLN A 89 -8.41 -14.33 -1.41
N TYR A 90 -7.18 -13.85 -1.17
CA TYR A 90 -6.18 -13.77 -2.23
C TYR A 90 -5.75 -15.14 -2.74
N MET A 91 -5.50 -16.07 -1.82
CA MET A 91 -5.08 -17.41 -2.13
C MET A 91 -6.13 -18.22 -2.89
N ARG A 92 -7.45 -18.05 -2.59
CA ARG A 92 -8.44 -18.85 -3.31
C ARG A 92 -8.47 -18.57 -4.80
N THR A 93 -7.92 -17.44 -5.27
CA THR A 93 -7.86 -17.14 -6.72
C THR A 93 -6.89 -18.01 -7.51
N GLY A 94 -5.94 -18.67 -6.84
CA GLY A 94 -4.90 -19.45 -7.48
C GLY A 94 -5.17 -20.93 -7.72
N GLU A 95 -4.61 -21.45 -8.83
CA GLU A 95 -4.55 -22.86 -9.17
C GLU A 95 -3.17 -23.42 -8.70
N GLY A 96 -2.14 -22.58 -8.74
CA GLY A 96 -0.79 -22.95 -8.37
C GLY A 96 -0.14 -21.88 -7.52
N PHE A 97 0.72 -22.31 -6.59
CA PHE A 97 1.34 -21.42 -5.61
C PHE A 97 2.84 -21.50 -5.62
N LEU A 98 3.49 -20.35 -5.55
CA LEU A 98 4.91 -20.23 -5.38
C LEU A 98 5.09 -19.78 -3.93
N CYS A 99 5.59 -20.65 -3.10
CA CYS A 99 5.88 -20.34 -1.71
C CYS A 99 7.31 -19.90 -1.66
N VAL A 100 7.54 -18.63 -1.39
CA VAL A 100 8.84 -17.98 -1.47
C VAL A 100 9.39 -17.60 -0.13
N PHE A 101 10.70 -17.81 0.06
CA PHE A 101 11.43 -17.39 1.25
C PHE A 101 12.76 -16.85 0.75
N ALA A 102 13.45 -16.05 1.56
CA ALA A 102 14.76 -15.52 1.20
C ALA A 102 15.84 -16.38 1.88
N ILE A 103 16.88 -16.78 1.14
CA ILE A 103 17.92 -17.68 1.65
C ILE A 103 18.82 -17.03 2.78
N ASN A 104 18.70 -15.69 2.99
CA ASN A 104 19.40 -14.92 4.03
C ASN A 104 18.47 -14.63 5.25
N ASN A 105 17.30 -15.23 5.30
CA ASN A 105 16.35 -14.93 6.35
C ASN A 105 15.67 -16.20 6.78
N THR A 106 16.12 -16.81 7.88
CA THR A 106 15.60 -18.08 8.41
C THR A 106 14.14 -18.01 8.80
N LYS A 107 13.68 -16.89 9.37
CA LYS A 107 12.29 -16.72 9.79
C LYS A 107 11.35 -16.87 8.59
N SER A 108 11.68 -16.23 7.43
CA SER A 108 10.92 -16.39 6.17
C SER A 108 10.88 -17.85 5.71
N PHE A 109 11.94 -18.62 5.99
CA PHE A 109 11.97 -20.07 5.69
C PHE A 109 11.07 -20.86 6.68
N GLU A 110 11.10 -20.46 7.95
CA GLU A 110 10.28 -21.10 8.98
C GLU A 110 8.79 -20.80 8.83
N ASP A 111 8.44 -19.64 8.22
CA ASP A 111 7.06 -19.23 7.94
C ASP A 111 6.38 -20.07 6.86
N ILE A 112 7.15 -20.77 6.00
CA ILE A 112 6.60 -21.60 4.91
C ILE A 112 5.62 -22.65 5.39
N HIS A 113 5.93 -23.33 6.49
CA HIS A 113 5.02 -24.37 6.98
C HIS A 113 3.60 -23.88 7.14
N GLN A 114 3.39 -22.68 7.72
CA GLN A 114 2.05 -22.15 7.94
C GLN A 114 1.37 -21.68 6.65
N TYR A 115 2.13 -21.10 5.71
CA TYR A 115 1.59 -20.66 4.41
C TYR A 115 1.01 -21.84 3.66
N ARG A 116 1.76 -22.95 3.58
CA ARG A 116 1.32 -24.17 2.92
C ARG A 116 0.06 -24.71 3.61
N GLU A 117 0.04 -24.76 4.94
CA GLU A 117 -1.15 -25.20 5.70
C GLU A 117 -2.36 -24.38 5.37
N GLN A 118 -2.15 -23.09 5.23
CA GLN A 118 -3.21 -22.15 4.89
C GLN A 118 -3.66 -22.36 3.46
N ILE A 119 -2.73 -22.59 2.52
CA ILE A 119 -3.09 -22.87 1.12
C ILE A 119 -3.98 -24.14 1.04
N LYS A 120 -3.53 -25.21 1.67
CA LYS A 120 -4.29 -26.46 1.75
C LYS A 120 -5.68 -26.25 2.32
N ARG A 121 -5.80 -25.45 3.38
CA ARG A 121 -7.11 -25.18 3.99
C ARG A 121 -8.02 -24.40 3.04
N VAL A 122 -7.49 -23.35 2.42
CA VAL A 122 -8.23 -22.51 1.47
C VAL A 122 -8.73 -23.30 0.23
N LYS A 123 -7.85 -24.10 -0.34
CA LYS A 123 -8.18 -24.90 -1.52
C LYS A 123 -8.90 -26.20 -1.15
N ASP A 124 -9.01 -26.53 0.15
CA ASP A 124 -9.67 -27.73 0.64
C ASP A 124 -9.10 -28.99 -0.04
N SER A 125 -7.77 -29.14 0.03
CA SER A 125 -7.04 -30.20 -0.61
C SER A 125 -5.63 -30.32 -0.05
N ASP A 126 -5.14 -31.56 0.06
CA ASP A 126 -3.79 -31.88 0.52
C ASP A 126 -2.84 -31.93 -0.64
N ASP A 127 -3.36 -31.92 -1.88
CA ASP A 127 -2.58 -31.94 -3.10
C ASP A 127 -2.90 -30.69 -3.94
N VAL A 128 -2.27 -29.59 -3.60
CA VAL A 128 -2.40 -28.33 -4.32
C VAL A 128 -1.10 -28.13 -5.11
N PRO A 129 -1.14 -27.87 -6.45
CA PRO A 129 0.10 -27.58 -7.19
C PRO A 129 0.89 -26.44 -6.53
N MET A 130 2.14 -26.71 -6.16
CA MET A 130 2.95 -25.80 -5.38
C MET A 130 4.44 -26.05 -5.60
N VAL A 131 5.23 -25.01 -5.40
CA VAL A 131 6.69 -25.07 -5.51
C VAL A 131 7.24 -24.26 -4.37
N LEU A 132 8.42 -24.66 -3.86
CA LEU A 132 9.15 -23.95 -2.83
C LEU A 132 10.23 -23.15 -3.55
N VAL A 133 10.30 -21.85 -3.32
CA VAL A 133 11.31 -21.04 -4.00
C VAL A 133 12.20 -20.38 -2.97
N GLY A 134 13.50 -20.64 -3.05
CA GLY A 134 14.52 -19.99 -2.23
C GLY A 134 15.12 -18.86 -3.03
N ASN A 135 14.86 -17.61 -2.59
CA ASN A 135 15.30 -16.43 -3.31
C ASN A 135 16.55 -15.75 -2.70
N LYS A 136 17.63 -15.58 -3.49
CA LYS A 136 18.85 -14.87 -3.08
C LYS A 136 18.69 -13.39 -3.53
N CYS A 137 18.17 -12.52 -2.61
CA CYS A 137 17.80 -11.11 -2.88
C CYS A 137 18.97 -10.13 -2.87
N ASP A 138 20.07 -10.51 -2.23
CA ASP A 138 21.24 -9.63 -2.19
C ASP A 138 22.47 -10.45 -1.81
N LEU A 139 23.62 -9.79 -1.62
CA LEU A 139 24.86 -10.45 -1.25
C LEU A 139 25.06 -10.55 0.29
N ALA A 140 23.95 -10.46 1.09
CA ALA A 140 23.98 -10.71 2.53
C ALA A 140 24.17 -12.23 2.71
N ALA A 141 24.69 -12.66 3.86
CA ALA A 141 25.02 -14.06 4.10
C ALA A 141 23.84 -15.02 4.12
N ARG A 142 24.01 -16.15 3.44
CA ARG A 142 23.02 -17.20 3.39
C ARG A 142 22.92 -17.81 4.76
N THR A 143 21.69 -17.97 5.27
CA THR A 143 21.42 -18.62 6.53
C THR A 143 20.60 -19.88 6.33
N VAL A 144 20.09 -20.11 5.13
CA VAL A 144 19.29 -21.29 4.82
C VAL A 144 20.07 -22.07 3.78
N GLU A 145 20.58 -23.22 4.19
CA GLU A 145 21.33 -24.11 3.30
C GLU A 145 20.39 -24.82 2.34
N SER A 146 20.81 -24.97 1.10
CA SER A 146 19.99 -25.64 0.10
C SER A 146 19.49 -27.01 0.56
N ARG A 147 20.28 -27.78 1.33
CA ARG A 147 19.86 -29.10 1.81
C ARG A 147 18.65 -28.99 2.75
N GLN A 148 18.62 -27.97 3.63
CA GLN A 148 17.50 -27.75 4.54
C GLN A 148 16.21 -27.57 3.75
N ALA A 149 16.24 -26.68 2.75
CA ALA A 149 15.08 -26.40 1.90
C ALA A 149 14.76 -27.57 0.98
N GLN A 150 15.77 -28.33 0.56
CA GLN A 150 15.59 -29.52 -0.26
C GLN A 150 14.84 -30.59 0.58
N ASP A 151 15.24 -30.72 1.87
CA ASP A 151 14.57 -31.62 2.80
C ASP A 151 13.14 -31.19 3.10
N LEU A 152 12.93 -29.87 3.30
CA LEU A 152 11.57 -29.37 3.55
C LEU A 152 10.67 -29.66 2.34
N ALA A 153 11.16 -29.40 1.12
CA ALA A 153 10.35 -29.61 -0.09
C ALA A 153 10.01 -31.08 -0.30
N ARG A 154 10.91 -31.98 0.07
CA ARG A 154 10.66 -33.42 -0.06
C ARG A 154 9.67 -33.89 0.99
N SER A 155 9.66 -33.30 2.18
CA SER A 155 8.67 -33.69 3.20
C SER A 155 7.23 -33.37 2.76
N TYR A 156 7.07 -32.33 1.93
CA TYR A 156 5.79 -31.90 1.38
C TYR A 156 5.47 -32.56 0.03
N GLY A 157 6.47 -33.18 -0.59
CA GLY A 157 6.31 -33.77 -1.90
C GLY A 157 6.22 -32.74 -3.00
N ILE A 158 7.06 -31.70 -2.96
CA ILE A 158 7.03 -30.65 -3.99
C ILE A 158 8.43 -30.28 -4.50
N PRO A 159 8.51 -29.59 -5.64
CA PRO A 159 9.84 -29.17 -6.13
C PRO A 159 10.43 -28.01 -5.35
N TYR A 160 11.76 -27.91 -5.39
CA TYR A 160 12.46 -26.80 -4.80
C TYR A 160 13.25 -26.13 -5.89
N ILE A 161 13.08 -24.82 -6.04
CA ILE A 161 13.85 -24.05 -7.02
C ILE A 161 14.51 -22.91 -6.28
N GLU A 162 15.78 -22.67 -6.54
CA GLU A 162 16.51 -21.57 -5.95
C GLU A 162 16.76 -20.52 -7.03
N THR A 163 16.51 -19.25 -6.72
CA THR A 163 16.63 -18.17 -7.69
C THR A 163 17.49 -17.05 -7.17
N SER A 164 17.99 -16.22 -8.10
CA SER A 164 18.79 -15.04 -7.80
C SER A 164 18.05 -13.81 -8.32
N ALA A 165 17.84 -12.76 -7.45
CA ALA A 165 17.20 -11.49 -7.85
C ALA A 165 18.17 -10.62 -8.71
N LYS A 166 19.46 -10.83 -8.57
CA LYS A 166 20.45 -10.09 -9.31
C LYS A 166 20.55 -10.52 -10.80
N THR A 167 20.68 -11.82 -11.04
CA THR A 167 21.00 -12.41 -12.32
C THR A 167 19.87 -13.04 -13.10
N ARG A 168 18.65 -13.20 -12.49
CA ARG A 168 17.50 -13.83 -13.16
CA ARG A 168 17.46 -13.83 -13.09
C ARG A 168 17.64 -15.35 -13.20
N GLN A 169 18.72 -15.90 -12.61
CA GLN A 169 18.97 -17.33 -12.60
C GLN A 169 17.90 -18.06 -11.74
N GLY A 170 17.27 -19.06 -12.34
CA GLY A 170 16.22 -19.85 -11.72
C GLY A 170 14.79 -19.35 -11.85
N VAL A 171 14.57 -18.11 -12.32
CA VAL A 171 13.24 -17.50 -12.34
C VAL A 171 12.26 -18.24 -13.24
N GLU A 172 12.61 -18.43 -14.51
CA GLU A 172 11.77 -19.18 -15.47
C GLU A 172 11.48 -20.56 -14.93
N ASP A 173 12.53 -21.28 -14.53
CA ASP A 173 12.46 -22.62 -13.94
C ASP A 173 11.47 -22.71 -12.78
N ALA A 174 11.42 -21.70 -11.88
CA ALA A 174 10.49 -21.69 -10.74
C ALA A 174 9.03 -21.69 -11.20
N PHE A 175 8.73 -20.76 -12.09
CA PHE A 175 7.42 -20.61 -12.69
C PHE A 175 7.04 -21.77 -13.63
N TYR A 176 7.95 -22.23 -14.51
CA TYR A 176 7.67 -23.33 -15.45
C TYR A 176 7.48 -24.63 -14.68
N THR A 177 8.21 -24.82 -13.56
CA THR A 177 8.05 -26.01 -12.74
C THR A 177 6.68 -26.05 -12.11
N LEU A 178 6.13 -24.88 -11.76
CA LEU A 178 4.78 -24.78 -11.23
C LEU A 178 3.75 -25.13 -12.28
N VAL A 179 3.86 -24.56 -13.46
CA VAL A 179 2.93 -24.87 -14.56
C VAL A 179 2.91 -26.38 -14.80
N ARG A 180 4.08 -27.03 -14.85
CA ARG A 180 4.17 -28.49 -15.01
C ARG A 180 3.45 -29.23 -13.85
N GLU A 181 3.53 -28.71 -12.63
CA GLU A 181 2.83 -29.29 -11.48
C GLU A 181 1.30 -29.19 -11.62
N ILE A 182 0.82 -28.13 -12.24
CA ILE A 182 -0.62 -27.97 -12.48
C ILE A 182 -1.06 -28.97 -13.58
N ARG A 183 -0.28 -29.05 -14.67
CA ARG A 183 -0.56 -29.94 -15.81
C ARG A 183 -0.57 -31.41 -15.43
N GLN A 184 0.36 -31.81 -14.55
CA GLN A 184 0.50 -33.18 -14.05
C GLN A 184 -0.36 -33.47 -12.83
N HIS A 185 -1.17 -32.51 -12.37
CA HIS A 185 -2.01 -32.72 -11.19
C HIS A 185 -3.06 -33.81 -11.46
N GLN B 4 23.83 34.46 -24.68
CA GLN B 4 23.83 33.59 -23.50
C GLN B 4 24.72 34.17 -22.38
N MET B 5 24.33 33.94 -21.11
CA MET B 5 25.01 34.48 -19.93
C MET B 5 26.34 33.80 -19.64
N ARG B 6 27.31 34.58 -19.12
CA ARG B 6 28.62 34.07 -18.71
C ARG B 6 28.50 33.73 -17.23
N LEU B 7 28.64 32.44 -16.90
CA LEU B 7 28.51 31.96 -15.51
C LEU B 7 29.90 31.65 -14.97
N PRO B 8 30.08 31.54 -13.63
CA PRO B 8 31.42 31.22 -13.10
C PRO B 8 31.96 29.85 -13.50
N SER B 9 33.19 29.57 -13.09
CA SER B 9 33.83 28.28 -13.37
C SER B 9 33.30 27.24 -12.39
N ALA B 10 33.25 25.96 -12.83
CA ALA B 10 32.80 24.85 -11.98
C ALA B 10 33.72 24.68 -10.75
N ASP B 11 35.00 25.12 -10.86
CA ASP B 11 35.98 25.09 -9.76
C ASP B 11 35.60 26.05 -8.62
N VAL B 12 34.89 27.15 -8.93
CA VAL B 12 34.42 28.14 -7.95
C VAL B 12 32.89 27.96 -7.66
N TYR B 13 32.12 27.39 -8.60
CA TYR B 13 30.68 27.20 -8.43
C TYR B 13 30.21 25.99 -9.24
N ARG B 14 30.06 24.84 -8.53
CA ARG B 14 29.67 23.52 -9.07
C ARG B 14 28.43 23.51 -9.98
N PHE B 15 27.44 24.37 -9.70
CA PHE B 15 26.18 24.39 -10.46
C PHE B 15 26.30 25.08 -11.83
N ALA B 16 27.48 25.68 -12.16
CA ALA B 16 27.75 26.30 -13.45
C ALA B 16 28.05 25.29 -14.53
N GLU B 17 28.49 24.06 -14.15
CA GLU B 17 28.84 23.01 -15.11
C GLU B 17 27.71 22.81 -16.13
N PRO B 18 28.01 22.76 -17.43
CA PRO B 18 26.92 22.63 -18.42
C PRO B 18 26.25 21.25 -18.49
N ASP B 19 25.05 21.19 -19.08
CA ASP B 19 24.31 19.95 -19.25
C ASP B 19 24.99 19.06 -20.27
N SER B 20 24.98 17.74 -20.02
CA SER B 20 25.47 16.75 -20.97
C SER B 20 24.76 15.42 -20.76
N GLU B 21 25.02 14.46 -21.64
CA GLU B 21 24.48 13.09 -21.56
C GLU B 21 25.02 12.37 -20.29
N GLU B 22 26.14 12.87 -19.71
CA GLU B 22 26.79 12.35 -18.52
C GLU B 22 26.24 12.90 -17.18
N ASN B 23 25.39 13.94 -17.19
CA ASN B 23 24.94 14.51 -15.92
C ASN B 23 23.41 14.81 -15.82
N ILE B 24 22.66 14.80 -16.92
CA ILE B 24 21.24 15.05 -16.89
C ILE B 24 20.60 14.52 -18.16
N ILE B 25 19.47 13.80 -18.01
CA ILE B 25 18.70 13.27 -19.12
C ILE B 25 17.22 13.49 -18.85
N PHE B 26 16.44 13.47 -19.92
CA PHE B 26 15.04 13.80 -19.90
C PHE B 26 14.22 12.74 -20.57
N GLU B 27 12.90 12.80 -20.30
CA GLU B 27 11.91 11.95 -20.95
C GLU B 27 11.52 12.69 -22.25
N GLU B 28 10.87 11.99 -23.18
CA GLU B 28 10.41 12.59 -24.44
C GLU B 28 9.31 13.68 -24.21
N ASN B 29 8.34 13.43 -23.30
CA ASN B 29 7.24 14.37 -22.99
C ASN B 29 7.66 15.59 -22.14
N MET B 30 6.71 16.54 -22.00
CA MET B 30 6.83 17.79 -21.23
C MET B 30 5.71 17.81 -20.20
N GLN B 31 5.89 18.58 -19.10
CA GLN B 31 4.86 18.69 -18.06
C GLN B 31 3.54 19.04 -18.73
N PRO B 32 2.47 18.23 -18.52
CA PRO B 32 1.23 18.40 -19.31
C PRO B 32 0.60 19.80 -19.32
N LYS B 33 0.64 20.49 -18.16
CA LYS B 33 0.06 21.82 -17.99
C LYS B 33 1.09 22.98 -18.04
N ALA B 34 2.43 22.71 -17.84
CA ALA B 34 3.48 23.73 -17.75
C ALA B 34 4.48 23.81 -18.92
N GLY B 35 4.53 22.81 -19.80
CA GLY B 35 5.44 22.83 -20.94
C GLY B 35 6.93 22.78 -20.61
N ILE B 36 7.25 22.35 -19.40
CA ILE B 36 8.60 22.23 -18.85
C ILE B 36 9.06 20.82 -19.15
N PRO B 37 10.35 20.59 -19.50
CA PRO B 37 10.78 19.20 -19.75
C PRO B 37 10.76 18.33 -18.50
N ILE B 38 10.58 17.03 -18.71
CA ILE B 38 10.53 16.07 -17.61
C ILE B 38 11.90 15.43 -17.44
N ILE B 39 12.52 15.61 -16.27
CA ILE B 39 13.82 15.01 -15.96
C ILE B 39 13.67 13.50 -15.71
N LYS B 40 14.45 12.68 -16.39
CA LYS B 40 14.47 11.22 -16.22
C LYS B 40 15.52 10.86 -15.16
N ALA B 41 16.70 11.47 -15.27
CA ALA B 41 17.79 11.23 -14.32
C ALA B 41 18.82 12.32 -14.38
N GLY B 42 19.61 12.40 -13.33
CA GLY B 42 20.69 13.37 -13.29
C GLY B 42 21.53 13.19 -12.04
N THR B 43 22.60 13.96 -11.93
CA THR B 43 23.43 13.92 -10.73
C THR B 43 22.71 14.75 -9.68
N VAL B 44 23.09 14.63 -8.41
CA VAL B 44 22.43 15.42 -7.36
C VAL B 44 22.58 16.93 -7.60
N ILE B 45 23.80 17.36 -8.04
CA ILE B 45 24.15 18.74 -8.40
C ILE B 45 23.16 19.28 -9.44
N LYS B 46 22.99 18.53 -10.55
CA LYS B 46 22.05 18.87 -11.63
C LYS B 46 20.61 18.83 -11.17
N LEU B 47 20.24 17.92 -10.26
CA LEU B 47 18.86 17.85 -9.73
C LEU B 47 18.62 19.06 -8.85
N ILE B 48 19.61 19.45 -8.01
CA ILE B 48 19.49 20.63 -7.15
C ILE B 48 19.55 21.91 -7.99
N GLU B 49 20.26 21.90 -9.13
CA GLU B 49 20.28 23.04 -10.04
C GLU B 49 18.90 23.24 -10.63
N ARG B 50 18.28 22.15 -11.13
CA ARG B 50 16.95 22.22 -11.74
C ARG B 50 15.81 22.42 -10.74
N LEU B 51 16.09 22.16 -9.45
CA LEU B 51 15.16 22.37 -8.34
C LEU B 51 15.08 23.87 -8.03
N THR B 52 16.15 24.60 -8.35
CA THR B 52 16.28 26.03 -8.14
C THR B 52 16.75 26.71 -9.46
N TYR B 53 16.16 26.30 -10.63
CA TYR B 53 16.56 26.76 -11.97
C TYR B 53 16.27 28.24 -12.17
N HIS B 54 17.20 28.98 -12.79
CA HIS B 54 17.02 30.41 -12.99
C HIS B 54 15.96 30.77 -14.06
N MET B 55 15.82 29.95 -15.11
CA MET B 55 14.89 30.26 -16.20
C MET B 55 13.41 30.21 -15.82
N TYR B 56 13.00 29.24 -15.01
CA TYR B 56 11.59 29.12 -14.59
C TYR B 56 11.44 28.42 -13.26
N ALA B 57 10.28 28.60 -12.65
CA ALA B 57 9.92 27.96 -11.39
C ALA B 57 9.32 26.62 -11.80
N ASP B 58 9.57 25.56 -11.02
CA ASP B 58 9.17 24.19 -11.33
C ASP B 58 8.48 23.56 -10.11
N PRO B 59 7.30 24.07 -9.75
CA PRO B 59 6.60 23.58 -8.56
C PRO B 59 6.40 22.08 -8.47
N ASN B 60 6.06 21.41 -9.56
CA ASN B 60 5.83 19.96 -9.56
C ASN B 60 7.09 19.19 -9.24
N PHE B 61 8.22 19.66 -9.74
CA PHE B 61 9.51 19.01 -9.50
C PHE B 61 9.92 19.22 -8.04
N VAL B 62 9.60 20.38 -7.47
CA VAL B 62 9.91 20.69 -6.05
C VAL B 62 9.09 19.77 -5.15
N ARG B 63 7.83 19.62 -5.49
CA ARG B 63 6.85 18.76 -4.82
C ARG B 63 7.40 17.32 -4.77
N THR B 64 7.74 16.78 -5.94
CA THR B 64 8.25 15.43 -6.13
C THR B 64 9.56 15.25 -5.42
N PHE B 65 10.50 16.16 -5.64
CA PHE B 65 11.82 16.09 -5.03
C PHE B 65 11.71 16.03 -3.52
N LEU B 66 11.01 16.99 -2.91
CA LEU B 66 10.92 17.08 -1.44
C LEU B 66 10.18 15.90 -0.80
N THR B 67 9.33 15.23 -1.56
CA THR B 67 8.65 14.03 -1.08
C THR B 67 9.61 12.83 -1.10
N THR B 68 10.45 12.71 -2.17
CA THR B 68 11.25 11.49 -2.42
C THR B 68 12.77 11.58 -2.36
N TYR B 69 13.37 12.71 -2.08
CA TYR B 69 14.83 12.81 -2.11
C TYR B 69 15.62 11.94 -1.13
N ARG B 70 15.01 11.49 -0.01
CA ARG B 70 15.76 10.86 1.10
C ARG B 70 16.38 9.50 0.71
N SER B 71 15.86 8.88 -0.35
CA SER B 71 16.42 7.65 -0.90
C SER B 71 17.78 7.87 -1.56
N PHE B 72 18.09 9.12 -1.99
CA PHE B 72 19.35 9.44 -2.67
C PHE B 72 20.17 10.58 -2.07
N CYS B 73 19.65 11.29 -1.07
CA CYS B 73 20.37 12.41 -0.46
C CYS B 73 19.86 12.56 0.94
N LYS B 74 20.74 12.83 1.89
CA LYS B 74 20.31 13.02 3.29
C LYS B 74 19.79 14.43 3.54
N PRO B 75 18.83 14.63 4.46
CA PRO B 75 18.38 16.01 4.77
C PRO B 75 19.50 17.02 5.04
N GLN B 76 20.52 16.60 5.78
CA GLN B 76 21.67 17.40 6.15
C GLN B 76 22.50 17.77 4.89
N GLU B 77 22.63 16.84 3.94
CA GLU B 77 23.33 17.05 2.67
C GLU B 77 22.52 17.95 1.74
N LEU B 78 21.15 17.82 1.71
CA LEU B 78 20.28 18.67 0.87
C LEU B 78 20.41 20.15 1.33
N LEU B 79 20.35 20.40 2.65
CA LEU B 79 20.51 21.75 3.22
C LEU B 79 21.84 22.36 2.80
N SER B 80 22.93 21.56 2.84
CA SER B 80 24.27 21.99 2.45
C SER B 80 24.32 22.37 0.98
N LEU B 81 23.74 21.53 0.13
CA LEU B 81 23.67 21.74 -1.32
C LEU B 81 22.81 22.95 -1.71
N ILE B 82 21.76 23.30 -0.95
CA ILE B 82 20.90 24.47 -1.29
C ILE B 82 21.56 25.77 -0.79
N ILE B 83 22.31 25.71 0.34
CA ILE B 83 23.05 26.87 0.87
C ILE B 83 24.21 27.16 -0.09
N GLU B 84 24.82 26.08 -0.62
CA GLU B 84 25.89 26.19 -1.59
C GLU B 84 25.39 26.84 -2.87
N ARG B 85 24.18 26.44 -3.32
CA ARG B 85 23.54 26.97 -4.52
C ARG B 85 23.26 28.48 -4.37
N PHE B 86 22.80 28.91 -3.19
CA PHE B 86 22.48 30.32 -2.90
C PHE B 86 23.73 31.22 -2.89
N GLU B 87 24.88 30.66 -2.44
CA GLU B 87 26.13 31.42 -2.33
C GLU B 87 26.80 31.43 -3.69
N ILE B 88 26.31 32.33 -4.56
CA ILE B 88 26.78 32.45 -5.94
C ILE B 88 27.88 33.51 -6.08
N PRO B 89 29.07 33.15 -6.61
CA PRO B 89 30.09 34.18 -6.86
C PRO B 89 29.85 34.83 -8.22
N GLU B 90 30.43 36.02 -8.43
CA GLU B 90 30.31 36.71 -9.72
C GLU B 90 31.30 36.05 -10.73
N PRO B 91 31.05 36.09 -12.06
CA PRO B 91 32.01 35.46 -13.00
C PRO B 91 33.35 36.18 -13.13
C LEU B 108 28.78 48.07 -13.98
N SER B 109 29.24 46.93 -14.53
CA SER B 109 29.12 46.67 -15.96
C SER B 109 27.73 46.09 -16.33
N ALA B 110 27.45 46.01 -17.65
CA ALA B 110 26.17 45.51 -18.17
C ALA B 110 26.02 43.99 -17.95
N GLU B 111 27.14 43.25 -18.10
CA GLU B 111 27.18 41.80 -17.90
C GLU B 111 26.85 41.42 -16.44
N LEU B 112 27.39 42.16 -15.45
CA LEU B 112 27.13 41.90 -14.02
C LEU B 112 25.70 42.28 -13.62
N LYS B 113 25.20 43.45 -14.08
CA LYS B 113 23.83 43.91 -13.78
C LYS B 113 22.75 42.94 -14.27
N ARG B 114 23.00 42.30 -15.43
CA ARG B 114 22.11 41.29 -16.01
C ARG B 114 22.22 39.98 -15.22
N PHE B 115 23.45 39.59 -14.83
CA PHE B 115 23.71 38.39 -14.05
C PHE B 115 22.99 38.42 -12.71
N ARG B 116 23.10 39.52 -12.00
CA ARG B 116 22.45 39.69 -10.70
C ARG B 116 20.90 39.67 -10.79
N LYS B 117 20.33 40.16 -11.91
CA LYS B 117 18.88 40.21 -12.12
C LYS B 117 18.32 38.94 -12.78
N GLU B 118 19.10 38.26 -13.66
CA GLU B 118 18.67 37.07 -14.41
C GLU B 118 19.25 35.72 -13.90
N TYR B 119 20.18 35.73 -12.94
CA TYR B 119 20.73 34.50 -12.38
C TYR B 119 20.68 34.49 -10.86
N ILE B 120 21.38 35.40 -10.19
CA ILE B 120 21.43 35.43 -8.73
C ILE B 120 20.04 35.61 -8.08
N GLN B 121 19.29 36.69 -8.39
CA GLN B 121 17.99 36.89 -7.73
C GLN B 121 17.01 35.71 -7.97
N PRO B 122 16.77 35.26 -9.22
CA PRO B 122 15.89 34.09 -9.40
C PRO B 122 16.32 32.83 -8.63
N VAL B 123 17.62 32.46 -8.69
CA VAL B 123 18.17 31.28 -8.01
C VAL B 123 17.98 31.40 -6.52
N GLN B 124 18.41 32.52 -5.95
CA GLN B 124 18.27 32.78 -4.52
C GLN B 124 16.80 32.70 -4.05
N LEU B 125 15.88 33.19 -4.89
CA LEU B 125 14.45 33.17 -4.63
C LEU B 125 13.91 31.75 -4.72
N ARG B 126 14.44 30.94 -5.65
CA ARG B 126 13.99 29.55 -5.81
C ARG B 126 14.50 28.67 -4.64
N VAL B 127 15.74 28.91 -4.14
CA VAL B 127 16.30 28.25 -2.97
C VAL B 127 15.39 28.49 -1.76
N LEU B 128 14.93 29.75 -1.59
CA LEU B 128 14.04 30.13 -0.49
C LEU B 128 12.65 29.51 -0.60
N ASN B 129 12.20 29.23 -1.83
CA ASN B 129 10.94 28.57 -2.07
C ASN B 129 11.06 27.11 -1.63
N VAL B 130 12.24 26.49 -1.88
CA VAL B 130 12.54 25.11 -1.49
C VAL B 130 12.50 25.02 0.03
N CYS B 131 13.20 25.95 0.69
CA CYS B 131 13.23 26.06 2.15
C CYS B 131 11.82 26.17 2.71
N ARG B 132 11.02 27.09 2.14
CA ARG B 132 9.63 27.33 2.58
C ARG B 132 8.79 26.06 2.44
N HIS B 133 8.80 25.47 1.25
CA HIS B 133 8.06 24.24 0.98
C HIS B 133 8.50 23.05 1.87
N TRP B 134 9.81 22.97 2.16
CA TRP B 134 10.42 21.97 3.03
C TRP B 134 9.86 22.08 4.47
N VAL B 135 9.98 23.28 5.09
CA VAL B 135 9.48 23.48 6.47
C VAL B 135 7.98 23.36 6.57
N GLU B 136 7.25 23.66 5.48
CA GLU B 136 5.79 23.62 5.44
C GLU B 136 5.24 22.21 5.30
N HIS B 137 5.69 21.48 4.28
CA HIS B 137 5.13 20.18 3.93
C HIS B 137 5.93 18.95 4.39
N HIS B 138 7.23 19.13 4.81
CA HIS B 138 8.03 18.01 5.31
C HIS B 138 8.79 18.39 6.58
N PHE B 139 8.07 19.01 7.56
CA PHE B 139 8.67 19.47 8.80
C PHE B 139 9.27 18.32 9.67
N TYR B 140 8.85 17.07 9.44
CA TYR B 140 9.36 15.90 10.15
C TYR B 140 10.87 15.73 10.05
N ASP B 141 11.51 16.21 8.97
CA ASP B 141 12.98 16.17 8.87
C ASP B 141 13.62 17.03 9.97
N PHE B 142 12.95 18.16 10.32
CA PHE B 142 13.40 19.10 11.33
C PHE B 142 13.06 18.61 12.74
N GLU B 143 11.90 17.94 12.90
CA GLU B 143 11.47 17.34 14.18
C GLU B 143 12.37 16.20 14.59
N ARG B 144 12.86 15.46 13.60
CA ARG B 144 13.72 14.28 13.76
C ARG B 144 15.20 14.60 13.87
N ASP B 145 15.62 15.82 13.50
CA ASP B 145 17.02 16.27 13.58
C ASP B 145 17.00 17.75 13.95
N ALA B 146 17.21 18.06 15.25
CA ALA B 146 17.25 19.43 15.77
C ALA B 146 18.43 20.25 15.22
N TYR B 147 19.51 19.57 14.80
CA TYR B 147 20.66 20.25 14.22
C TYR B 147 20.33 20.71 12.78
N LEU B 148 19.45 19.98 12.07
CA LEU B 148 19.02 20.35 10.72
C LEU B 148 18.25 21.67 10.80
N LEU B 149 17.40 21.81 11.83
CA LEU B 149 16.63 23.04 12.05
C LEU B 149 17.52 24.16 12.57
N GLN B 150 18.54 23.84 13.41
CA GLN B 150 19.50 24.83 13.90
C GLN B 150 20.16 25.49 12.69
N ARG B 151 20.67 24.66 11.78
CA ARG B 151 21.29 25.12 10.52
C ARG B 151 20.33 25.90 9.59
N MET B 152 19.05 25.48 9.49
CA MET B 152 18.07 26.17 8.64
C MET B 152 17.82 27.58 9.19
N GLU B 153 17.58 27.72 10.50
CA GLU B 153 17.38 29.04 11.13
C GLU B 153 18.63 29.93 10.95
N GLU B 154 19.84 29.34 11.07
CA GLU B 154 21.10 30.04 10.88
C GLU B 154 21.23 30.58 9.46
N PHE B 155 20.91 29.74 8.46
CA PHE B 155 20.97 30.12 7.06
C PHE B 155 20.00 31.27 6.80
N ILE B 156 18.74 31.10 7.19
CA ILE B 156 17.67 32.08 7.01
C ILE B 156 18.00 33.43 7.69
N GLY B 157 18.77 33.41 8.78
CA GLY B 157 19.19 34.61 9.48
C GLY B 157 20.20 35.43 8.69
N THR B 158 21.13 34.75 7.98
CA THR B 158 22.15 35.39 7.16
C THR B 158 21.60 36.00 5.87
N VAL B 159 20.37 35.63 5.47
CA VAL B 159 19.79 36.11 4.23
C VAL B 159 19.43 37.59 4.37
N ARG B 160 20.00 38.43 3.47
CA ARG B 160 19.79 39.88 3.44
C ARG B 160 19.39 40.32 2.01
N GLY B 161 18.48 41.29 1.93
CA GLY B 161 17.99 41.82 0.66
C GLY B 161 16.55 42.27 0.73
N LYS B 162 16.17 43.23 -0.12
CA LYS B 162 14.79 43.73 -0.17
C LYS B 162 13.87 42.65 -0.73
N ALA B 163 14.29 42.01 -1.84
CA ALA B 163 13.52 40.93 -2.50
C ALA B 163 13.34 39.71 -1.59
N MET B 164 14.37 39.41 -0.81
CA MET B 164 14.41 38.27 0.11
C MET B 164 13.53 38.48 1.34
N LYS B 165 13.61 39.66 1.98
CA LYS B 165 12.90 40.00 3.24
C LYS B 165 11.53 39.37 3.41
N LYS B 166 10.67 39.51 2.39
CA LYS B 166 9.30 39.01 2.42
C LYS B 166 9.24 37.47 2.60
N TRP B 167 10.13 36.73 1.89
CA TRP B 167 10.17 35.27 1.96
C TRP B 167 10.86 34.79 3.24
N VAL B 168 11.93 35.47 3.69
CA VAL B 168 12.65 35.16 4.93
C VAL B 168 11.69 35.24 6.13
N GLU B 169 10.81 36.25 6.15
CA GLU B 169 9.80 36.42 7.22
C GLU B 169 8.80 35.26 7.23
N SER B 170 8.25 34.92 6.04
CA SER B 170 7.27 33.82 5.85
C SER B 170 7.79 32.47 6.39
N ILE B 171 9.05 32.13 6.05
CA ILE B 171 9.71 30.91 6.48
C ILE B 171 9.77 30.92 8.02
N THR B 172 10.28 32.00 8.59
CA THR B 172 10.39 32.14 10.04
C THR B 172 9.04 31.98 10.75
N LYS B 173 7.95 32.45 10.11
CA LYS B 173 6.61 32.34 10.67
C LYS B 173 6.12 30.91 10.59
N ILE B 174 6.49 30.16 9.52
CA ILE B 174 6.12 28.74 9.37
C ILE B 174 6.87 27.91 10.45
N ILE B 175 8.19 28.13 10.59
CA ILE B 175 9.01 27.39 11.55
C ILE B 175 8.45 27.52 12.97
N GLN B 176 8.15 28.76 13.40
CA GLN B 176 7.60 29.00 14.74
C GLN B 176 6.20 28.39 14.90
N ARG B 177 5.36 28.46 13.87
CA ARG B 177 4.04 27.83 13.90
C ARG B 177 4.18 26.29 14.02
N LYS B 178 5.09 25.69 13.23
CA LYS B 178 5.35 24.25 13.27
C LYS B 178 5.93 23.83 14.64
N LYS B 179 6.78 24.69 15.25
CA LYS B 179 7.35 24.41 16.57
C LYS B 179 6.29 24.43 17.66
N ILE B 180 5.27 25.31 17.56
CA ILE B 180 4.19 25.41 18.57
C ILE B 180 3.30 24.16 18.58
N ALA B 181 3.11 23.49 17.41
CA ALA B 181 2.33 22.25 17.27
C ALA B 181 0.90 22.35 17.79
N GLN B 193 -20.11 23.24 6.55
CA GLN B 193 -21.11 22.33 5.97
C GLN B 193 -22.53 22.62 6.57
N SER B 194 -23.54 21.76 6.21
CA SER B 194 -24.93 21.82 6.72
C SER B 194 -25.19 20.68 7.75
N SER B 195 -26.46 20.48 8.16
CA SER B 195 -26.84 19.45 9.14
C SER B 195 -26.64 17.98 8.64
N PRO B 196 -25.88 17.13 9.40
CA PRO B 196 -25.72 15.73 8.99
C PRO B 196 -26.95 14.89 9.33
N PRO B 197 -27.07 13.68 8.77
CA PRO B 197 -28.25 12.85 9.10
C PRO B 197 -28.35 12.48 10.57
N THR B 198 -29.57 12.15 10.98
CA THR B 198 -29.86 11.78 12.36
C THR B 198 -29.21 10.45 12.70
N VAL B 199 -28.66 10.32 13.92
CA VAL B 199 -28.04 9.07 14.37
C VAL B 199 -29.13 8.02 14.52
N GLU B 200 -28.87 6.81 13.95
CA GLU B 200 -29.81 5.70 13.95
C GLU B 200 -29.59 4.74 15.12
N TRP B 201 -30.70 4.37 15.81
CA TRP B 201 -30.69 3.40 16.92
C TRP B 201 -31.65 2.24 16.61
N HIS B 202 -31.34 1.02 17.09
CA HIS B 202 -32.18 -0.16 16.86
C HIS B 202 -32.59 -0.77 18.24
N ILE B 203 -32.03 -1.91 18.68
CA ILE B 203 -32.41 -2.53 19.96
C ILE B 203 -31.68 -1.84 21.10
N SER B 204 -30.39 -1.53 20.88
CA SER B 204 -29.59 -0.82 21.88
C SER B 204 -30.03 0.64 21.87
N ARG B 205 -30.15 1.23 23.05
CA ARG B 205 -30.57 2.63 23.12
C ARG B 205 -29.38 3.51 23.52
N PRO B 206 -29.46 4.86 23.33
CA PRO B 206 -28.33 5.72 23.67
C PRO B 206 -27.81 5.56 25.10
N GLY B 207 -26.49 5.45 25.24
CA GLY B 207 -25.84 5.26 26.53
C GLY B 207 -25.76 3.83 27.01
N HIS B 208 -26.57 2.88 26.46
CA HIS B 208 -26.58 1.47 26.88
C HIS B 208 -25.51 0.69 26.13
N ILE B 209 -24.27 1.05 26.44
CA ILE B 209 -23.05 0.51 25.84
C ILE B 209 -22.81 -0.98 26.12
N GLU B 210 -23.46 -1.51 27.15
CA GLU B 210 -23.30 -2.87 27.63
C GLU B 210 -24.03 -3.85 26.74
N THR B 211 -25.12 -3.37 26.10
CA THR B 211 -25.93 -4.16 25.16
C THR B 211 -25.44 -4.04 23.69
N PHE B 212 -24.48 -3.14 23.38
CA PHE B 212 -24.00 -2.98 22.01
C PHE B 212 -23.39 -4.26 21.45
N ASP B 213 -23.83 -4.64 20.25
CA ASP B 213 -23.33 -5.78 19.51
C ASP B 213 -23.68 -5.61 18.02
N LEU B 214 -23.35 -6.59 17.21
CA LEU B 214 -23.61 -6.56 15.78
C LEU B 214 -25.07 -6.43 15.45
N LEU B 215 -25.93 -7.18 16.13
CA LEU B 215 -27.37 -7.19 15.84
C LEU B 215 -28.17 -6.17 16.62
N THR B 216 -27.63 -5.61 17.73
CA THR B 216 -28.36 -4.65 18.56
C THR B 216 -28.19 -3.22 18.11
N LEU B 217 -27.01 -2.89 17.57
CA LEU B 217 -26.74 -1.55 17.02
C LEU B 217 -27.40 -1.50 15.65
N HIS B 218 -27.79 -0.30 15.17
CA HIS B 218 -28.46 -0.17 13.88
C HIS B 218 -27.43 -0.41 12.77
N PRO B 219 -27.72 -1.27 11.77
CA PRO B 219 -26.74 -1.53 10.70
C PRO B 219 -26.25 -0.27 9.96
N ILE B 220 -27.11 0.75 9.83
CA ILE B 220 -26.70 1.99 9.19
C ILE B 220 -25.66 2.67 10.05
N GLU B 221 -25.92 2.74 11.36
CA GLU B 221 -25.02 3.44 12.26
C GLU B 221 -23.68 2.70 12.44
N ILE B 222 -23.67 1.36 12.38
CA ILE B 222 -22.44 0.56 12.43
C ILE B 222 -21.56 0.99 11.27
N ALA B 223 -22.14 0.99 10.07
CA ALA B 223 -21.46 1.41 8.84
C ALA B 223 -20.99 2.87 8.87
N ARG B 224 -21.81 3.81 9.37
CA ARG B 224 -21.43 5.23 9.45
C ARG B 224 -20.30 5.46 10.41
N GLN B 225 -20.39 4.87 11.59
CA GLN B 225 -19.37 5.01 12.63
C GLN B 225 -18.07 4.31 12.25
N LEU B 226 -18.14 3.14 11.55
CA LEU B 226 -16.94 2.44 11.06
C LEU B 226 -16.32 3.26 9.92
N THR B 227 -17.15 3.85 9.04
CA THR B 227 -16.68 4.72 7.95
C THR B 227 -15.95 5.96 8.51
N LEU B 228 -16.44 6.55 9.61
CA LEU B 228 -15.79 7.71 10.24
C LEU B 228 -14.40 7.34 10.83
N LEU B 229 -14.31 6.18 11.51
CA LEU B 229 -13.03 5.68 12.08
C LEU B 229 -12.02 5.40 10.98
N GLU B 230 -12.49 4.70 9.97
CA GLU B 230 -11.68 4.26 8.84
C GLU B 230 -11.25 5.42 7.96
N SER B 231 -12.09 6.47 7.87
CA SER B 231 -11.75 7.70 7.14
C SER B 231 -10.67 8.45 7.88
N ASP B 232 -10.82 8.63 9.20
CA ASP B 232 -9.78 9.31 9.99
C ASP B 232 -8.45 8.51 9.98
N LEU B 233 -8.53 7.19 10.00
CA LEU B 233 -7.35 6.33 9.95
C LEU B 233 -6.62 6.50 8.59
N TYR B 234 -7.40 6.58 7.50
CA TYR B 234 -6.92 6.80 6.15
C TYR B 234 -6.23 8.17 6.02
N ARG B 235 -6.85 9.20 6.55
CA ARG B 235 -6.34 10.59 6.46
C ARG B 235 -5.07 10.88 7.27
N ALA B 236 -4.84 10.09 8.31
CA ALA B 236 -3.68 10.23 9.17
C ALA B 236 -2.38 9.67 8.57
N VAL B 237 -2.44 8.85 7.48
CA VAL B 237 -1.24 8.26 6.86
C VAL B 237 -0.52 9.31 5.99
N GLN B 238 0.75 9.54 6.28
CA GLN B 238 1.58 10.50 5.56
C GLN B 238 2.53 9.80 4.57
N PRO B 239 3.02 10.53 3.54
CA PRO B 239 3.98 9.92 2.59
C PRO B 239 5.31 9.45 3.20
N SER B 240 5.73 10.03 4.32
CA SER B 240 6.92 9.62 5.07
C SER B 240 6.82 8.18 5.59
N GLU B 241 5.57 7.65 5.69
CA GLU B 241 5.32 6.28 6.11
C GLU B 241 5.36 5.32 4.91
N LEU B 242 5.44 5.85 3.67
CA LEU B 242 5.30 5.09 2.43
C LEU B 242 6.52 5.17 1.53
N VAL B 243 7.11 6.36 1.35
CA VAL B 243 8.29 6.49 0.50
C VAL B 243 9.40 5.60 1.10
N GLY B 244 10.10 4.87 0.24
CA GLY B 244 11.17 3.96 0.63
C GLY B 244 10.66 2.64 1.17
N SER B 245 9.36 2.32 0.94
CA SER B 245 8.71 1.08 1.35
C SER B 245 8.97 0.78 2.81
N VAL B 246 8.97 1.83 3.64
CA VAL B 246 9.38 1.70 5.06
C VAL B 246 8.44 0.88 5.95
N TRP B 247 7.19 0.64 5.53
CA TRP B 247 6.21 -0.14 6.31
C TRP B 247 6.48 -1.66 6.22
N THR B 248 7.42 -2.10 5.33
CA THR B 248 7.78 -3.50 5.10
C THR B 248 9.15 -3.84 5.77
N LYS B 249 9.84 -2.80 6.33
CA LYS B 249 11.19 -2.92 6.86
C LYS B 249 11.18 -3.12 8.35
N GLU B 250 12.37 -3.40 8.93
CA GLU B 250 12.49 -3.74 10.36
C GLU B 250 11.97 -2.64 11.30
N ASP B 251 12.10 -1.35 10.92
CA ASP B 251 11.62 -0.20 11.71
C ASP B 251 10.23 0.28 11.32
N LYS B 252 9.43 -0.57 10.66
CA LYS B 252 8.06 -0.24 10.26
C LYS B 252 7.18 0.32 11.41
N GLU B 253 7.38 -0.14 12.65
CA GLU B 253 6.55 0.34 13.78
C GLU B 253 6.90 1.76 14.16
N ILE B 254 8.17 2.16 13.94
CA ILE B 254 8.66 3.51 14.19
C ILE B 254 8.26 4.42 13.05
N ASN B 255 8.46 3.95 11.81
CA ASN B 255 8.29 4.78 10.62
C ASN B 255 6.90 4.79 10.02
N SER B 256 6.06 3.78 10.25
CA SER B 256 4.72 3.72 9.64
C SER B 256 3.64 3.42 10.67
N PRO B 257 3.61 4.11 11.83
CA PRO B 257 2.60 3.80 12.85
C PRO B 257 1.15 4.03 12.47
N ASN B 258 0.83 5.10 11.73
CA ASN B 258 -0.57 5.38 11.31
C ASN B 258 -1.06 4.38 10.28
N LEU B 259 -0.22 4.03 9.30
CA LEU B 259 -0.60 3.01 8.32
C LEU B 259 -0.93 1.71 9.01
N LEU B 260 -0.06 1.27 9.90
CA LEU B 260 -0.25 0.02 10.61
C LEU B 260 -1.48 0.02 11.50
N LYS B 261 -1.77 1.12 12.22
CA LYS B 261 -3.00 1.19 13.01
C LYS B 261 -4.20 1.03 12.09
N MET B 262 -4.16 1.65 10.92
CA MET B 262 -5.24 1.58 9.93
C MET B 262 -5.42 0.13 9.45
N ILE B 263 -4.34 -0.55 9.04
CA ILE B 263 -4.43 -1.96 8.58
C ILE B 263 -4.93 -2.89 9.71
N ARG B 264 -4.48 -2.64 10.94
CA ARG B 264 -4.86 -3.47 12.08
C ARG B 264 -6.32 -3.29 12.45
N HIS B 265 -6.88 -2.09 12.24
CA HIS B 265 -8.33 -1.88 12.46
C HIS B 265 -9.05 -2.74 11.44
N THR B 266 -8.68 -2.60 10.17
CA THR B 266 -9.30 -3.39 9.07
C THR B 266 -9.28 -4.89 9.36
N THR B 267 -8.11 -5.38 9.76
CA THR B 267 -7.91 -6.79 10.08
C THR B 267 -8.79 -7.18 11.24
N ASN B 268 -8.79 -6.36 12.29
CA ASN B 268 -9.64 -6.60 13.45
C ASN B 268 -11.10 -6.73 13.07
N LEU B 269 -11.62 -5.81 12.23
CA LEU B 269 -13.04 -5.86 11.82
C LEU B 269 -13.37 -7.07 10.97
N THR B 270 -12.44 -7.51 10.10
CA THR B 270 -12.63 -8.73 9.31
C THR B 270 -12.75 -9.89 10.23
N LEU B 271 -11.80 -10.03 11.17
CA LEU B 271 -11.81 -11.11 12.15
C LEU B 271 -13.06 -11.07 13.04
N TRP B 272 -13.47 -9.88 13.50
CA TRP B 272 -14.68 -9.74 14.31
C TRP B 272 -15.92 -10.22 13.54
N PHE B 273 -16.03 -9.89 12.25
CA PHE B 273 -17.14 -10.35 11.42
C PHE B 273 -17.14 -11.85 11.33
N GLU B 274 -15.98 -12.45 11.16
CA GLU B 274 -15.90 -13.92 11.06
C GLU B 274 -16.29 -14.57 12.39
N LYS B 275 -15.84 -13.96 13.49
CA LYS B 275 -16.10 -14.43 14.85
C LYS B 275 -17.60 -14.43 15.13
N CYS B 276 -18.28 -13.33 14.78
CA CYS B 276 -19.74 -13.16 14.94
C CYS B 276 -20.47 -14.28 14.24
N ILE B 277 -20.02 -14.58 13.02
CA ILE B 277 -20.63 -15.64 12.20
C ILE B 277 -20.46 -17.01 12.83
N VAL B 278 -19.22 -17.47 12.99
CA VAL B 278 -18.96 -18.85 13.45
C VAL B 278 -19.31 -19.08 14.93
N GLU B 279 -19.39 -18.04 15.76
CA GLU B 279 -19.81 -18.22 17.14
C GLU B 279 -21.33 -18.22 17.28
N THR B 280 -22.08 -18.05 16.19
CA THR B 280 -23.53 -18.09 16.19
C THR B 280 -23.79 -19.48 15.66
N GLU B 281 -23.99 -20.42 16.58
CA GLU B 281 -24.08 -21.85 16.26
C GLU B 281 -25.43 -22.21 15.68
N ASN B 282 -26.48 -21.55 16.13
CA ASN B 282 -27.83 -21.75 15.60
C ASN B 282 -27.89 -21.24 14.14
N LEU B 283 -28.29 -22.10 13.21
CA LEU B 283 -28.37 -21.74 11.79
C LEU B 283 -29.26 -20.51 11.48
N GLU B 284 -30.46 -20.42 12.07
CA GLU B 284 -31.37 -19.27 11.83
C GLU B 284 -30.72 -17.98 12.30
N GLU B 285 -30.10 -18.01 13.48
CA GLU B 285 -29.43 -16.84 14.02
C GLU B 285 -28.21 -16.46 13.19
N ARG B 286 -27.48 -17.45 12.68
CA ARG B 286 -26.29 -17.23 11.88
C ARG B 286 -26.66 -16.61 10.54
N VAL B 287 -27.76 -17.09 9.92
CA VAL B 287 -28.28 -16.51 8.68
C VAL B 287 -28.57 -15.02 8.96
N ALA B 288 -29.23 -14.70 10.10
CA ALA B 288 -29.50 -13.31 10.48
C ALA B 288 -28.21 -12.46 10.58
N VAL B 289 -27.17 -13.03 11.21
CA VAL B 289 -25.85 -12.42 11.35
C VAL B 289 -25.20 -12.12 9.99
N VAL B 290 -25.13 -13.10 9.10
CA VAL B 290 -24.51 -12.92 7.78
C VAL B 290 -25.29 -11.86 6.99
N SER B 291 -26.61 -11.97 7.02
CA SER B 291 -27.54 -11.05 6.36
C SER B 291 -27.31 -9.60 6.85
N ARG B 292 -27.15 -9.39 8.19
CA ARG B 292 -26.88 -8.05 8.74
C ARG B 292 -25.53 -7.47 8.29
N ILE B 293 -24.51 -8.32 8.14
CA ILE B 293 -23.18 -7.90 7.72
C ILE B 293 -23.26 -7.47 6.24
N ILE B 294 -24.03 -8.20 5.44
CA ILE B 294 -24.28 -7.82 4.05
C ILE B 294 -25.01 -6.46 3.97
N GLU B 295 -25.86 -6.14 4.95
CA GLU B 295 -26.52 -4.83 5.01
C GLU B 295 -25.54 -3.74 5.35
N ILE B 296 -24.60 -4.02 6.27
CA ILE B 296 -23.52 -3.09 6.65
C ILE B 296 -22.66 -2.81 5.38
N LEU B 297 -22.38 -3.86 4.59
CA LEU B 297 -21.65 -3.78 3.33
C LEU B 297 -22.36 -2.85 2.33
N GLN B 298 -23.66 -3.03 2.19
CA GLN B 298 -24.50 -2.21 1.31
C GLN B 298 -24.37 -0.72 1.67
N VAL B 299 -24.43 -0.37 2.97
CA VAL B 299 -24.27 1.00 3.45
C VAL B 299 -22.84 1.49 3.19
N PHE B 300 -21.81 0.61 3.38
CA PHE B 300 -20.42 0.99 3.09
C PHE B 300 -20.31 1.33 1.60
N GLN B 301 -21.00 0.55 0.72
CA GLN B 301 -21.01 0.83 -0.74
C GLN B 301 -21.63 2.22 -1.00
N GLU B 302 -22.75 2.53 -0.33
CA GLU B 302 -23.44 3.83 -0.46
C GLU B 302 -22.50 5.01 -0.09
N LEU B 303 -21.71 4.81 0.97
CA LEU B 303 -20.79 5.81 1.50
C LEU B 303 -19.44 5.87 0.80
N ASN B 304 -19.19 4.97 -0.16
CA ASN B 304 -17.90 4.84 -0.85
C ASN B 304 -16.76 4.50 0.13
N ASN B 305 -17.05 3.65 1.14
CA ASN B 305 -16.04 3.17 2.05
C ASN B 305 -15.63 1.80 1.49
N PHE B 306 -14.63 1.83 0.58
CA PHE B 306 -14.12 0.62 -0.04
C PHE B 306 -13.29 -0.20 0.93
N ASN B 307 -12.69 0.44 1.95
CA ASN B 307 -11.98 -0.30 2.96
C ASN B 307 -13.03 -1.18 3.70
N GLY B 308 -14.14 -0.56 4.10
CA GLY B 308 -15.28 -1.23 4.73
C GLY B 308 -15.83 -2.35 3.86
N VAL B 309 -15.98 -2.11 2.57
CA VAL B 309 -16.46 -3.12 1.63
C VAL B 309 -15.57 -4.34 1.66
N LEU B 310 -14.28 -4.12 1.49
CA LEU B 310 -13.34 -5.21 1.41
C LEU B 310 -13.11 -5.91 2.77
N GLU B 311 -13.40 -5.25 3.88
CA GLU B 311 -13.34 -5.84 5.22
C GLU B 311 -14.37 -6.98 5.27
N VAL B 312 -15.58 -6.66 4.77
CA VAL B 312 -16.72 -7.59 4.73
C VAL B 312 -16.43 -8.69 3.73
N VAL B 313 -16.06 -8.36 2.50
CA VAL B 313 -15.76 -9.36 1.46
C VAL B 313 -14.67 -10.30 1.97
N SER B 314 -13.62 -9.75 2.61
CA SER B 314 -12.54 -10.59 3.16
C SER B 314 -13.03 -11.60 4.19
N ALA B 315 -13.92 -11.17 5.09
CA ALA B 315 -14.54 -12.05 6.09
C ALA B 315 -15.35 -13.15 5.40
N MET B 316 -16.13 -12.80 4.39
CA MET B 316 -16.98 -13.76 3.70
C MET B 316 -16.19 -14.80 2.90
N ASN B 317 -15.01 -14.45 2.40
CA ASN B 317 -14.17 -15.35 1.62
C ASN B 317 -13.11 -16.08 2.43
N SER B 318 -13.10 -15.83 3.76
CA SER B 318 -12.22 -16.49 4.70
C SER B 318 -12.58 -17.95 4.74
N SER B 319 -11.60 -18.77 5.10
CA SER B 319 -11.79 -20.22 5.18
C SER B 319 -12.93 -20.63 6.08
N PRO B 320 -13.10 -20.06 7.29
CA PRO B 320 -14.22 -20.46 8.15
C PRO B 320 -15.61 -20.07 7.67
N VAL B 321 -15.74 -18.92 6.98
CA VAL B 321 -17.05 -18.44 6.51
C VAL B 321 -17.41 -18.97 5.13
N TYR B 322 -16.48 -18.99 4.19
CA TYR B 322 -16.76 -19.44 2.81
C TYR B 322 -17.41 -20.81 2.69
N ARG B 323 -17.01 -21.73 3.53
CA ARG B 323 -17.53 -23.11 3.48
C ARG B 323 -18.97 -23.32 4.08
N LEU B 324 -19.57 -22.28 4.67
CA LEU B 324 -20.88 -22.39 5.33
C LEU B 324 -22.06 -22.33 4.36
N ASP B 325 -22.15 -23.38 3.53
CA ASP B 325 -23.13 -23.55 2.47
C ASP B 325 -24.58 -23.53 2.97
N HIS B 326 -24.87 -24.15 4.13
CA HIS B 326 -26.23 -24.12 4.69
C HIS B 326 -26.68 -22.73 5.08
N THR B 327 -25.74 -21.87 5.42
CA THR B 327 -26.02 -20.48 5.83
C THR B 327 -26.30 -19.63 4.59
N PHE B 328 -25.36 -19.64 3.61
CA PHE B 328 -25.51 -18.84 2.38
C PHE B 328 -26.72 -19.27 1.53
N GLU B 329 -27.21 -20.51 1.69
CA GLU B 329 -28.41 -21.05 1.02
C GLU B 329 -29.68 -20.26 1.44
N GLN B 330 -29.81 -19.95 2.73
CA GLN B 330 -30.94 -19.26 3.34
C GLN B 330 -30.85 -17.74 3.24
N ILE B 331 -29.75 -17.22 2.68
CA ILE B 331 -29.57 -15.76 2.49
C ILE B 331 -30.43 -15.29 1.30
N PRO B 332 -31.25 -14.22 1.47
CA PRO B 332 -32.06 -13.74 0.34
C PRO B 332 -31.22 -13.42 -0.89
N SER B 333 -31.78 -13.67 -2.09
CA SER B 333 -31.10 -13.41 -3.37
C SER B 333 -30.60 -11.98 -3.55
N ARG B 334 -31.34 -11.00 -3.02
CA ARG B 334 -30.93 -9.61 -3.14
C ARG B 334 -29.60 -9.39 -2.40
N GLN B 335 -29.43 -10.04 -1.22
CA GLN B 335 -28.19 -9.92 -0.43
C GLN B 335 -27.06 -10.72 -1.03
N LYS B 336 -27.37 -11.88 -1.62
CA LYS B 336 -26.35 -12.64 -2.35
C LYS B 336 -25.76 -11.79 -3.48
N LYS B 337 -26.64 -11.12 -4.26
CA LYS B 337 -26.25 -10.28 -5.40
C LYS B 337 -25.41 -9.10 -4.95
N ILE B 338 -25.79 -8.48 -3.81
CA ILE B 338 -25.00 -7.37 -3.24
C ILE B 338 -23.56 -7.88 -2.97
N LEU B 339 -23.46 -9.09 -2.37
CA LEU B 339 -22.21 -9.72 -2.01
C LEU B 339 -21.41 -10.10 -3.25
N GLU B 340 -22.04 -10.66 -4.28
CA GLU B 340 -21.30 -10.98 -5.52
C GLU B 340 -20.73 -9.74 -6.18
N GLU B 341 -21.49 -8.64 -6.26
CA GLU B 341 -20.98 -7.43 -6.90
C GLU B 341 -19.76 -6.87 -6.15
N ALA B 342 -19.80 -6.93 -4.81
CA ALA B 342 -18.72 -6.50 -3.93
C ALA B 342 -17.52 -7.41 -4.14
N HIS B 343 -17.72 -8.73 -4.14
CA HIS B 343 -16.66 -9.69 -4.43
C HIS B 343 -16.00 -9.41 -5.79
N GLU B 344 -16.82 -9.10 -6.79
CA GLU B 344 -16.34 -8.85 -8.15
C GLU B 344 -15.41 -7.66 -8.29
N LEU B 345 -15.45 -6.69 -7.36
CA LEU B 345 -14.55 -5.54 -7.37
C LEU B 345 -13.08 -5.95 -7.25
N SER B 346 -12.80 -7.08 -6.57
CA SER B 346 -11.46 -7.60 -6.28
C SER B 346 -10.94 -8.52 -7.36
N GLU B 347 -11.83 -9.06 -8.20
CA GLU B 347 -11.48 -9.97 -9.28
C GLU B 347 -10.62 -9.27 -10.32
N ASP B 348 -9.86 -10.08 -11.05
CA ASP B 348 -8.95 -9.62 -12.09
C ASP B 348 -8.06 -8.45 -11.64
N HIS B 349 -7.35 -8.67 -10.55
CA HIS B 349 -6.42 -7.71 -9.97
C HIS B 349 -7.05 -6.34 -9.72
N TYR B 350 -8.19 -6.36 -9.05
CA TYR B 350 -8.98 -5.17 -8.69
C TYR B 350 -9.45 -4.32 -9.89
N LYS B 351 -9.68 -4.92 -11.08
CA LYS B 351 -10.13 -4.19 -12.29
C LYS B 351 -11.39 -3.30 -12.06
N LYS B 352 -12.46 -3.91 -11.53
CA LYS B 352 -13.69 -3.17 -11.23
C LYS B 352 -13.54 -2.15 -10.08
N TYR B 353 -12.77 -2.50 -9.03
CA TYR B 353 -12.50 -1.56 -7.90
C TYR B 353 -11.82 -0.33 -8.43
N LEU B 354 -10.79 -0.53 -9.24
CA LEU B 354 -10.01 0.57 -9.84
C LEU B 354 -10.87 1.49 -10.70
N ALA B 355 -11.75 0.91 -11.56
CA ALA B 355 -12.73 1.70 -12.34
C ALA B 355 -13.72 2.48 -11.43
N LYS B 356 -14.29 1.80 -10.42
CA LYS B 356 -15.27 2.41 -9.53
C LYS B 356 -14.72 3.57 -8.68
N LEU B 357 -13.51 3.42 -8.12
CA LEU B 357 -12.84 4.47 -7.35
C LEU B 357 -12.64 5.69 -8.27
N ARG B 358 -12.11 5.49 -9.49
CA ARG B 358 -11.96 6.58 -10.49
C ARG B 358 -13.29 7.29 -10.85
N SER B 359 -14.41 6.57 -10.82
CA SER B 359 -15.72 7.11 -11.19
C SER B 359 -16.40 7.92 -10.10
N ILE B 360 -15.94 7.84 -8.85
CA ILE B 360 -16.62 8.53 -7.76
C ILE B 360 -15.79 9.73 -7.33
N ASN B 361 -16.42 10.62 -6.58
CA ASN B 361 -15.75 11.77 -6.01
C ASN B 361 -15.82 11.68 -4.50
N PRO B 362 -14.86 12.29 -3.80
CA PRO B 362 -14.92 12.31 -2.33
C PRO B 362 -16.24 12.80 -1.71
N PRO B 363 -16.54 12.44 -0.47
CA PRO B 363 -15.73 11.62 0.44
C PRO B 363 -15.74 10.14 0.10
N CYS B 364 -14.60 9.50 0.30
CA CYS B 364 -14.45 8.06 0.17
C CYS B 364 -13.33 7.57 1.05
N VAL B 365 -13.32 6.24 1.24
CA VAL B 365 -12.28 5.58 1.99
C VAL B 365 -11.70 4.53 1.06
N PRO B 366 -10.61 4.88 0.37
CA PRO B 366 -9.98 3.88 -0.52
C PRO B 366 -9.40 2.66 0.23
N PHE B 367 -9.21 1.57 -0.51
CA PHE B 367 -8.52 0.38 -0.01
C PHE B 367 -7.04 0.67 -0.20
N PHE B 368 -6.25 0.66 0.88
CA PHE B 368 -4.86 1.08 0.82
C PHE B 368 -3.90 0.07 0.23
N GLY B 369 -4.23 -1.20 0.26
CA GLY B 369 -3.34 -2.28 -0.14
C GLY B 369 -2.75 -2.21 -1.53
N ILE B 370 -3.53 -1.72 -2.48
CA ILE B 370 -3.10 -1.59 -3.87
C ILE B 370 -1.96 -0.58 -3.96
N TYR B 371 -2.11 0.55 -3.28
CA TYR B 371 -1.09 1.61 -3.24
C TYR B 371 0.22 1.10 -2.68
N LEU B 372 0.14 0.32 -1.61
CA LEU B 372 1.32 -0.26 -0.94
C LEU B 372 2.06 -1.16 -1.89
N THR B 373 1.36 -2.09 -2.55
CA THR B 373 1.94 -2.98 -3.55
C THR B 373 2.54 -2.21 -4.70
N ASN B 374 1.87 -1.18 -5.18
CA ASN B 374 2.40 -0.37 -6.30
C ASN B 374 3.64 0.41 -5.93
N ILE B 375 3.69 0.97 -4.73
CA ILE B 375 4.88 1.71 -4.28
C ILE B 375 6.06 0.74 -4.11
N LEU B 376 5.83 -0.37 -3.43
CA LEU B 376 6.88 -1.39 -3.21
C LEU B 376 7.49 -1.87 -4.50
N LYS B 377 6.65 -2.36 -5.41
CA LYS B 377 7.05 -2.86 -6.73
C LYS B 377 7.69 -1.80 -7.59
N THR B 378 7.24 -0.52 -7.49
CA THR B 378 7.87 0.58 -8.26
C THR B 378 9.29 0.71 -7.74
N GLU B 379 9.45 0.74 -6.41
CA GLU B 379 10.78 0.90 -5.80
C GLU B 379 11.71 -0.26 -5.94
N GLU B 380 11.20 -1.50 -5.86
CA GLU B 380 12.00 -2.72 -6.01
C GLU B 380 12.25 -3.11 -7.47
N GLY B 381 11.31 -2.76 -8.35
CA GLY B 381 11.40 -3.14 -9.75
C GLY B 381 12.12 -2.19 -10.68
N ASN B 382 12.69 -1.09 -10.15
CA ASN B 382 13.41 -0.09 -10.95
C ASN B 382 14.68 0.26 -10.28
N PRO B 383 15.72 0.59 -11.05
CA PRO B 383 17.01 0.90 -10.46
C PRO B 383 17.11 2.28 -9.85
N GLU B 384 17.84 2.38 -8.74
CA GLU B 384 18.11 3.61 -8.01
C GLU B 384 18.96 4.57 -8.84
N VAL B 385 19.81 4.00 -9.72
CA VAL B 385 20.79 4.70 -10.53
C VAL B 385 20.74 4.20 -11.95
N LEU B 386 20.95 5.11 -12.90
CA LEU B 386 21.09 4.81 -14.33
C LEU B 386 22.54 5.18 -14.68
N LYS B 387 23.17 4.46 -15.60
CA LYS B 387 24.54 4.78 -15.97
C LYS B 387 24.60 5.24 -17.42
N ARG B 388 25.23 6.40 -17.66
CA ARG B 388 25.37 7.01 -18.99
C ARG B 388 26.84 7.39 -19.18
N HIS B 389 27.53 6.78 -20.16
CA HIS B 389 28.96 6.99 -20.43
C HIS B 389 29.81 6.70 -19.17
N GLY B 390 29.42 5.64 -18.45
CA GLY B 390 30.10 5.20 -17.23
C GLY B 390 29.87 6.05 -16.00
N LYS B 391 29.03 7.11 -16.09
CA LYS B 391 28.74 8.02 -14.98
C LYS B 391 27.37 7.67 -14.38
N GLU B 392 27.29 7.59 -13.04
CA GLU B 392 26.05 7.28 -12.33
C GLU B 392 25.13 8.50 -12.25
N LEU B 393 23.85 8.31 -12.64
CA LEU B 393 22.80 9.33 -12.55
C LEU B 393 21.66 8.81 -11.67
N ILE B 394 21.17 9.65 -10.75
CA ILE B 394 20.06 9.29 -9.88
C ILE B 394 18.84 9.10 -10.78
N ASN B 395 18.15 7.97 -10.67
CA ASN B 395 16.93 7.70 -11.45
C ASN B 395 15.76 8.47 -10.80
N PHE B 396 15.46 9.67 -11.30
CA PHE B 396 14.41 10.49 -10.74
C PHE B 396 13.03 10.03 -11.18
N SER B 397 12.90 9.47 -12.37
CA SER B 397 11.61 8.96 -12.87
C SER B 397 10.95 7.87 -12.01
N LYS B 398 11.75 7.06 -11.33
CA LYS B 398 11.33 6.06 -10.34
C LYS B 398 10.69 6.78 -9.18
N ARG B 399 11.33 7.86 -8.73
CA ARG B 399 10.83 8.67 -7.62
C ARG B 399 9.54 9.41 -7.98
N ARG B 400 9.45 9.95 -9.19
CA ARG B 400 8.22 10.57 -9.70
C ARG B 400 7.07 9.59 -9.68
N LYS B 401 7.28 8.36 -10.16
CA LYS B 401 6.22 7.35 -10.15
C LYS B 401 5.64 7.07 -8.75
N VAL B 402 6.51 7.11 -7.72
CA VAL B 402 6.14 6.89 -6.32
C VAL B 402 5.37 8.09 -5.80
N ALA B 403 5.82 9.31 -6.16
CA ALA B 403 5.20 10.56 -5.75
C ALA B 403 3.79 10.72 -6.41
N GLU B 404 3.59 10.11 -7.60
CA GLU B 404 2.28 10.08 -8.23
C GLU B 404 1.31 9.23 -7.39
N ILE B 405 1.77 8.12 -6.81
CA ILE B 405 0.90 7.26 -5.99
C ILE B 405 0.59 7.98 -4.67
N THR B 406 1.58 8.64 -4.05
CA THR B 406 1.36 9.38 -2.80
C THR B 406 0.45 10.58 -3.03
N GLY B 407 0.50 11.18 -4.21
CA GLY B 407 -0.39 12.30 -4.55
C GLY B 407 -1.83 11.81 -4.68
N GLU B 408 -2.06 10.65 -5.32
CA GLU B 408 -3.37 10.04 -5.40
C GLU B 408 -3.90 9.68 -4.00
N ILE B 409 -3.06 9.14 -3.11
CA ILE B 409 -3.50 8.85 -1.75
C ILE B 409 -4.03 10.13 -1.14
N GLN B 410 -3.26 11.21 -1.23
CA GLN B 410 -3.60 12.51 -0.66
C GLN B 410 -4.84 13.17 -1.25
N GLN B 411 -5.18 12.90 -2.53
CA GLN B 411 -6.34 13.53 -3.16
C GLN B 411 -7.64 13.04 -2.52
N TYR B 412 -7.63 11.82 -1.96
CA TYR B 412 -8.78 11.29 -1.23
C TYR B 412 -8.78 11.62 0.28
N GLN B 413 -7.73 12.29 0.81
CA GLN B 413 -7.62 12.65 2.22
C GLN B 413 -8.11 14.04 2.59
N ASN B 414 -8.49 14.85 1.61
CA ASN B 414 -8.83 16.24 1.85
C ASN B 414 -10.26 16.43 2.29
N GLN B 415 -11.18 15.66 1.69
CA GLN B 415 -12.61 15.75 1.96
C GLN B 415 -13.15 14.83 3.06
N PRO B 416 -13.76 15.38 4.13
CA PRO B 416 -14.38 14.53 5.15
C PRO B 416 -15.85 14.20 4.86
N TYR B 417 -16.42 13.33 5.71
CA TYR B 417 -17.80 12.89 5.64
C TYR B 417 -18.71 13.79 6.45
N CYS B 418 -19.92 14.00 5.98
CA CYS B 418 -20.87 14.80 6.74
C CYS B 418 -21.74 13.84 7.56
N LEU B 419 -21.11 13.21 8.54
CA LEU B 419 -21.76 12.27 9.45
C LEU B 419 -21.38 12.67 10.87
N ARG B 420 -22.34 12.55 11.77
CA ARG B 420 -22.16 12.86 13.17
C ARG B 420 -21.51 11.67 13.86
N VAL B 421 -20.46 11.94 14.65
CA VAL B 421 -19.80 10.93 15.45
C VAL B 421 -20.71 10.61 16.65
N GLU B 422 -20.89 9.33 16.95
CA GLU B 422 -21.61 8.87 18.14
C GLU B 422 -20.46 8.29 18.94
N SER B 423 -20.07 8.97 20.00
CA SER B 423 -18.90 8.65 20.81
C SER B 423 -18.90 7.27 21.45
N ASP B 424 -20.07 6.72 21.81
CA ASP B 424 -20.12 5.39 22.43
C ASP B 424 -19.97 4.30 21.36
N ILE B 425 -20.61 4.47 20.19
CA ILE B 425 -20.54 3.48 19.11
C ILE B 425 -19.10 3.49 18.60
N LYS B 426 -18.50 4.68 18.46
CA LYS B 426 -17.11 4.86 18.03
C LYS B 426 -16.14 4.08 18.94
N ARG B 427 -16.26 4.29 20.26
CA ARG B 427 -15.43 3.67 21.30
C ARG B 427 -15.56 2.17 21.32
N PHE B 428 -16.74 1.65 20.94
CA PHE B 428 -17.03 0.22 20.89
C PHE B 428 -16.24 -0.46 19.75
N PHE B 429 -16.18 0.17 18.57
CA PHE B 429 -15.44 -0.32 17.43
C PHE B 429 -13.94 -0.12 17.61
N GLU B 430 -13.51 0.98 18.25
CA GLU B 430 -12.08 1.18 18.55
C GLU B 430 -11.55 0.12 19.55
N ASN B 431 -12.39 -0.33 20.48
CA ASN B 431 -12.00 -1.29 21.51
C ASN B 431 -12.28 -2.75 21.16
N LEU B 432 -12.82 -3.05 19.95
CA LEU B 432 -13.04 -4.44 19.53
C LEU B 432 -11.71 -5.16 19.57
N ASN B 433 -11.72 -6.39 20.04
CA ASN B 433 -10.53 -7.21 20.13
C ASN B 433 -10.97 -8.67 20.00
N PRO B 434 -11.37 -9.09 18.78
CA PRO B 434 -11.86 -10.48 18.61
C PRO B 434 -10.86 -11.55 19.01
N MET B 435 -9.56 -11.31 18.77
CA MET B 435 -8.51 -12.27 19.06
C MET B 435 -8.27 -12.45 20.53
N GLY B 436 -8.50 -11.42 21.33
CA GLY B 436 -8.22 -11.49 22.76
C GLY B 436 -6.72 -11.57 22.96
N ASN B 437 -6.26 -12.52 23.79
CA ASN B 437 -4.83 -12.75 24.02
C ASN B 437 -4.27 -13.83 23.10
N SER B 438 -5.06 -14.42 22.24
CA SER B 438 -4.58 -15.49 21.37
C SER B 438 -3.70 -15.00 20.25
N MET B 439 -2.78 -15.85 19.84
CA MET B 439 -1.93 -15.56 18.70
C MET B 439 -2.75 -15.86 17.45
N GLU B 440 -2.25 -15.38 16.29
CA GLU B 440 -2.93 -15.49 15.00
C GLU B 440 -3.32 -16.93 14.65
N LYS B 441 -2.37 -17.87 14.68
CA LYS B 441 -2.62 -19.26 14.29
C LYS B 441 -3.69 -19.91 15.18
N GLU B 442 -3.48 -19.77 16.49
CA GLU B 442 -4.37 -20.25 17.54
C GLU B 442 -5.81 -19.77 17.26
N PHE B 443 -5.99 -18.46 17.04
CA PHE B 443 -7.28 -17.85 16.79
C PHE B 443 -7.94 -18.23 15.48
N THR B 444 -7.17 -18.24 14.39
CA THR B 444 -7.72 -18.59 13.09
C THR B 444 -8.08 -20.08 13.02
N ASP B 445 -7.37 -20.95 13.75
CA ASP B 445 -7.69 -22.39 13.88
C ASP B 445 -8.93 -22.55 14.73
N TYR B 446 -9.11 -21.72 15.76
CA TYR B 446 -10.33 -21.75 16.58
C TYR B 446 -11.56 -21.39 15.73
N LEU B 447 -11.43 -20.34 14.88
CA LEU B 447 -12.50 -19.95 13.96
C LEU B 447 -12.82 -21.04 12.99
N PHE B 448 -11.79 -21.71 12.43
CA PHE B 448 -12.01 -22.80 11.48
C PHE B 448 -12.62 -24.03 12.14
N ASN B 449 -12.19 -24.37 13.36
CA ASN B 449 -12.75 -25.52 14.08
C ASN B 449 -14.18 -25.21 14.49
N LYS B 450 -14.51 -23.93 14.76
CA LYS B 450 -15.88 -23.52 15.04
C LYS B 450 -16.72 -23.70 13.79
N SER B 451 -16.21 -23.33 12.61
CA SER B 451 -16.90 -23.53 11.34
C SER B 451 -17.26 -25.03 11.09
N LEU B 452 -16.27 -25.92 11.30
CA LEU B 452 -16.45 -27.38 11.13
C LEU B 452 -17.41 -27.95 12.15
N GLU B 453 -17.51 -27.37 13.34
CA GLU B 453 -18.45 -27.79 14.35
C GLU B 453 -19.91 -27.45 13.95
N ILE B 454 -20.14 -26.20 13.59
CA ILE B 454 -21.48 -25.71 13.27
C ILE B 454 -22.00 -26.26 11.94
N GLU B 455 -21.11 -26.52 10.99
CA GLU B 455 -21.51 -27.11 9.72
C GLU B 455 -20.50 -28.14 9.34
N PRO B 456 -20.61 -29.35 9.90
CA PRO B 456 -19.62 -30.38 9.60
C PRO B 456 -19.40 -30.70 8.13
N ARG B 457 -18.23 -31.20 7.86
CA ARG B 457 -17.83 -31.60 6.52
C ARG B 457 -18.64 -32.86 6.14
N ASN B 458 -19.13 -32.91 4.91
CA ASN B 458 -19.88 -34.06 4.41
C ASN B 458 -19.07 -35.36 4.53
N PRO B 459 -19.72 -36.52 4.73
CA PRO B 459 -21.18 -36.73 4.81
C PRO B 459 -21.71 -36.64 6.25
N LYS B 460 -21.07 -35.87 7.15
CA LYS B 460 -21.58 -35.73 8.52
C LYS B 460 -22.88 -34.94 8.47
N PRO B 461 -23.96 -35.43 9.13
CA PRO B 461 -25.23 -34.70 9.09
C PRO B 461 -25.14 -33.38 9.84
N LEU B 462 -26.02 -32.43 9.48
CA LEU B 462 -26.00 -31.12 10.09
C LEU B 462 -26.65 -31.18 11.46
N PRO B 463 -25.93 -30.89 12.56
CA PRO B 463 -26.60 -30.89 13.87
C PRO B 463 -27.42 -29.62 14.05
N ARG B 464 -28.15 -29.53 15.17
CA ARG B 464 -28.89 -28.33 15.55
C ARG B 464 -28.23 -27.79 16.80
N PHE B 465 -28.39 -26.50 17.06
CA PHE B 465 -27.75 -25.83 18.19
C PHE B 465 -28.74 -24.86 18.75
N PRO B 466 -28.70 -24.59 20.06
CA PRO B 466 -29.67 -23.66 20.63
C PRO B 466 -29.39 -22.20 20.29
N LYS B 467 -30.41 -21.38 20.42
CA LYS B 467 -30.34 -19.96 20.19
C LYS B 467 -29.58 -19.29 21.33
N LYS B 468 -28.82 -18.23 21.01
CA LYS B 468 -28.04 -17.43 21.97
C LYS B 468 -28.63 -16.01 22.10
N TYR B 469 -29.55 -15.57 21.21
CA TYR B 469 -30.08 -14.21 21.25
C TYR B 469 -31.50 -14.16 21.78
N SER B 470 -31.67 -13.41 22.89
CA SER B 470 -32.94 -13.21 23.56
C SER B 470 -33.74 -12.02 22.96
N TYR B 471 -33.17 -11.32 21.97
CA TYR B 471 -33.81 -10.17 21.32
C TYR B 471 -34.23 -10.54 19.89
N PRO B 472 -35.12 -9.76 19.23
CA PRO B 472 -35.55 -10.14 17.87
C PRO B 472 -34.42 -10.01 16.85
N LEU B 473 -34.40 -10.94 15.87
CA LEU B 473 -33.40 -11.03 14.81
C LEU B 473 -33.73 -10.19 13.60
N LYS B 474 -34.97 -9.69 13.48
CA LYS B 474 -35.39 -8.92 12.30
C LYS B 474 -34.60 -7.62 12.21
N SER B 475 -34.12 -7.32 11.02
CA SER B 475 -33.35 -6.10 10.80
C SER B 475 -34.28 -4.88 10.69
N PRO B 476 -33.81 -3.68 11.06
CA PRO B 476 -34.59 -2.48 10.76
C PRO B 476 -34.38 -1.97 9.31
N GLY B 477 -33.55 -2.65 8.51
CA GLY B 477 -33.24 -2.26 7.14
C GLY B 477 -32.16 -1.20 7.03
N VAL B 478 -31.76 -0.84 5.80
CA VAL B 478 -30.70 0.16 5.51
C VAL B 478 -31.24 1.52 5.02
N ARG B 479 -32.56 1.73 5.08
CA ARG B 479 -33.14 3.01 4.71
C ARG B 479 -33.33 3.80 6.02
N PRO B 480 -32.91 5.08 6.10
CA PRO B 480 -33.08 5.83 7.37
C PRO B 480 -34.51 5.90 7.90
N SER B 481 -34.65 5.75 9.23
CA SER B 481 -35.92 5.71 9.96
C SER B 481 -36.77 6.99 9.86
N ASN B 482 -36.13 8.17 9.94
CA ASN B 482 -36.84 9.46 9.92
C ASN B 482 -36.27 10.40 8.83
N PRO B 483 -36.99 11.48 8.44
CA PRO B 483 -36.49 12.36 7.37
C PRO B 483 -35.40 13.34 7.82
N ARG B 484 -34.52 13.75 6.88
CA ARG B 484 -33.42 14.70 7.17
C ARG B 484 -33.93 16.13 7.01
C L7S C . 18.58 -10.14 5.24
N L7S C . 17.00 -10.06 3.30
O L7S C . 17.63 -12.04 2.32
C1 L7S C . 17.20 -10.44 4.72
N1 L7S C . 17.15 -5.33 -3.14
O1 L7S C . 16.17 -7.93 3.65
C2 L7S C . 17.37 -10.86 2.23
O2 L7S C . 16.12 -7.31 -3.58
C3 L7S C . 17.19 -10.07 0.93
C4 L7S C . 16.20 -8.97 1.41
C5 L7S C . 16.41 -8.88 2.91
C6 L7S C . 15.95 -7.64 0.72
C7 L7S C . 14.93 -6.81 1.19
C8 L7S C . 14.35 -5.85 0.36
C9 L7S C . 14.83 -5.68 -0.93
C10 L7S C . 15.89 -6.45 -1.39
C11 L7S C . 16.47 -7.40 -0.54
C12 L7S C . 16.39 -6.38 -2.79
#